data_6OQP
#
_entry.id   6OQP
#
_entity_poly.entity_id   1
_entity_poly.type   'polypeptide(L)'
_entity_poly.pdbx_seq_one_letter_code
;SKWICANRSVCPI
;
_entity_poly.pdbx_strand_id   A
#
# COMPACT_ATOMS: atom_id res chain seq x y z
N SER A 1 -10.35 -7.94 2.50
CA SER A 1 -8.90 -8.12 2.57
C SER A 1 -8.20 -6.77 2.74
N LYS A 2 -7.07 -6.80 3.43
CA LYS A 2 -6.30 -5.58 3.68
C LYS A 2 -5.60 -5.11 2.40
N TRP A 3 -4.96 -3.95 2.47
CA TRP A 3 -4.25 -3.40 1.32
C TRP A 3 -3.05 -4.26 0.96
N ILE A 4 -2.59 -4.14 -0.28
CA ILE A 4 -1.44 -4.89 -0.75
C ILE A 4 -0.31 -3.97 -1.18
N CYS A 5 -0.52 -2.68 -1.02
CA CYS A 5 0.49 -1.68 -1.38
C CYS A 5 0.77 -1.72 -2.88
N ALA A 6 0.32 -0.70 -3.60
CA ALA A 6 0.53 -0.62 -5.03
C ALA A 6 1.83 0.11 -5.36
N ASN A 7 2.19 1.05 -4.51
CA ASN A 7 3.41 1.83 -4.70
C ASN A 7 3.61 2.84 -3.57
N ARG A 8 4.63 3.68 -3.71
CA ARG A 8 4.92 4.69 -2.71
C ARG A 8 3.68 5.52 -2.39
N SER A 9 2.82 5.69 -3.38
CA SER A 9 1.59 6.46 -3.21
C SER A 9 0.69 5.82 -2.16
N VAL A 10 0.73 4.50 -2.09
CA VAL A 10 -0.09 3.76 -1.13
C VAL A 10 0.73 2.66 -0.46
N CYS A 11 1.48 3.03 0.57
CA CYS A 11 2.31 2.07 1.30
C CYS A 11 2.70 2.63 2.67
N PRO A 12 1.73 2.64 3.60
CA PRO A 12 1.96 3.14 4.96
C PRO A 12 2.87 2.22 5.77
N ILE A 13 4.12 2.10 5.34
CA ILE A 13 5.09 1.26 6.03
C ILE A 13 6.27 2.08 6.53
N SER A 1 -10.17 -8.10 2.68
CA SER A 1 -8.72 -8.25 2.68
C SER A 1 -8.04 -6.89 2.86
N LYS A 2 -6.88 -6.89 3.50
CA LYS A 2 -6.13 -5.65 3.73
C LYS A 2 -5.47 -5.17 2.44
N TRP A 3 -4.85 -4.00 2.51
CA TRP A 3 -4.18 -3.43 1.35
C TRP A 3 -2.97 -4.25 0.96
N ILE A 4 -2.54 -4.12 -0.30
CA ILE A 4 -1.40 -4.86 -0.80
C ILE A 4 -0.28 -3.91 -1.24
N CYS A 5 -0.51 -2.61 -1.07
CA CYS A 5 0.46 -1.60 -1.44
C CYS A 5 0.72 -1.63 -2.95
N ALA A 6 0.23 -0.61 -3.65
CA ALA A 6 0.39 -0.51 -5.10
C ALA A 6 1.67 0.24 -5.45
N ASN A 7 2.05 1.19 -4.59
CA ASN A 7 3.25 1.98 -4.81
C ASN A 7 3.45 2.99 -3.68
N ARG A 8 4.45 3.85 -3.83
CA ARG A 8 4.75 4.86 -2.82
C ARG A 8 3.50 5.66 -2.46
N SER A 9 2.61 5.83 -3.44
CA SER A 9 1.38 6.58 -3.24
C SER A 9 0.51 5.92 -2.17
N VAL A 10 0.58 4.59 -2.11
CA VAL A 10 -0.20 3.83 -1.14
C VAL A 10 0.64 2.74 -0.48
N CYS A 11 1.42 3.11 0.52
CA CYS A 11 2.28 2.17 1.22
C CYS A 11 2.70 2.72 2.58
N PRO A 12 1.75 2.70 3.53
CA PRO A 12 1.99 3.19 4.90
C PRO A 12 2.94 2.29 5.68
N ILE A 13 4.18 2.19 5.21
CA ILE A 13 5.19 1.36 5.88
C ILE A 13 6.22 2.22 6.59
N SER A 1 -7.95 -9.19 1.88
CA SER A 1 -8.90 -8.12 2.12
C SER A 1 -8.18 -6.79 2.31
N LYS A 2 -7.15 -6.80 3.14
CA LYS A 2 -6.37 -5.59 3.40
C LYS A 2 -5.64 -5.12 2.15
N TRP A 3 -4.99 -3.97 2.25
CA TRP A 3 -4.25 -3.40 1.14
C TRP A 3 -3.04 -4.27 0.79
N ILE A 4 -2.55 -4.14 -0.44
CA ILE A 4 -1.40 -4.90 -0.89
C ILE A 4 -0.25 -3.99 -1.28
N CYS A 5 -0.45 -2.69 -1.10
CA CYS A 5 0.57 -1.70 -1.43
C CYS A 5 0.90 -1.73 -2.93
N ALA A 6 0.47 -0.69 -3.63
CA ALA A 6 0.71 -0.59 -5.07
C ALA A 6 2.02 0.13 -5.36
N ASN A 7 2.38 1.06 -4.48
CA ASN A 7 3.61 1.83 -4.63
C ASN A 7 3.79 2.82 -3.49
N ARG A 8 4.81 3.65 -3.59
CA ARG A 8 5.10 4.64 -2.56
C ARG A 8 3.86 5.48 -2.26
N SER A 9 3.02 5.67 -3.28
CA SER A 9 1.80 6.45 -3.12
C SER A 9 0.87 5.81 -2.10
N VAL A 10 0.90 4.49 -2.05
CA VAL A 10 0.05 3.75 -1.11
C VAL A 10 0.83 2.62 -0.44
N CYS A 11 1.57 2.97 0.60
CA CYS A 11 2.37 2.00 1.34
C CYS A 11 2.74 2.52 2.73
N PRO A 12 1.75 2.53 3.64
CA PRO A 12 1.94 3.01 5.01
C PRO A 12 2.83 2.07 5.83
N ILE A 13 4.08 1.95 5.43
CA ILE A 13 5.03 1.09 6.13
C ILE A 13 6.10 1.91 6.83
N SER A 1 -10.07 -7.92 2.11
CA SER A 1 -8.65 -8.08 2.41
C SER A 1 -7.97 -6.73 2.55
N LYS A 2 -6.96 -6.67 3.42
CA LYS A 2 -6.22 -5.43 3.64
C LYS A 2 -5.52 -4.97 2.37
N TRP A 3 -4.90 -3.80 2.43
CA TRP A 3 -4.20 -3.25 1.27
C TRP A 3 -2.97 -4.08 0.94
N ILE A 4 -2.51 -3.97 -0.30
CA ILE A 4 -1.34 -4.72 -0.75
C ILE A 4 -0.22 -3.78 -1.19
N CYS A 5 -0.45 -2.48 -1.04
CA CYS A 5 0.53 -1.48 -1.41
C CYS A 5 0.84 -1.53 -2.90
N ALA A 6 0.37 -0.52 -3.64
CA ALA A 6 0.59 -0.46 -5.07
C ALA A 6 1.87 0.29 -5.41
N ASN A 7 2.22 1.25 -4.56
CA ASN A 7 3.43 2.05 -4.76
C ASN A 7 3.59 3.08 -3.64
N ARG A 8 4.60 3.94 -3.78
CA ARG A 8 4.85 4.97 -2.79
C ARG A 8 3.60 5.77 -2.48
N SER A 9 2.74 5.91 -3.49
CA SER A 9 1.51 6.67 -3.34
C SER A 9 0.60 6.02 -2.29
N VAL A 10 0.67 4.70 -2.19
CA VAL A 10 -0.14 3.96 -1.23
C VAL A 10 0.68 2.88 -0.54
N CYS A 11 1.43 3.28 0.48
CA CYS A 11 2.26 2.35 1.24
C CYS A 11 2.63 2.93 2.60
N PRO A 12 1.67 2.93 3.52
CA PRO A 12 1.86 3.45 4.88
C PRO A 12 2.79 2.56 5.71
N ILE A 13 4.04 2.47 5.29
CA ILE A 13 5.02 1.65 5.99
C ILE A 13 6.14 2.51 6.58
N SER A 1 -9.85 -8.34 3.39
CA SER A 1 -8.59 -8.25 2.66
C SER A 1 -7.96 -6.88 2.85
N LYS A 2 -6.76 -6.86 3.41
CA LYS A 2 -6.03 -5.63 3.64
C LYS A 2 -5.35 -5.14 2.37
N TRP A 3 -4.76 -3.96 2.44
CA TRP A 3 -4.06 -3.38 1.28
C TRP A 3 -2.82 -4.20 0.92
N ILE A 4 -2.37 -4.06 -0.32
CA ILE A 4 -1.19 -4.79 -0.78
C ILE A 4 -0.09 -3.83 -1.20
N CYS A 5 -0.35 -2.53 -1.05
CA CYS A 5 0.62 -1.51 -1.41
C CYS A 5 0.91 -1.55 -2.91
N ALA A 6 0.43 -0.55 -3.64
CA ALA A 6 0.64 -0.46 -5.08
C ALA A 6 1.90 0.31 -5.41
N ASN A 7 2.24 1.27 -4.55
CA ASN A 7 3.44 2.09 -4.75
C ASN A 7 3.59 3.10 -3.63
N ARG A 8 4.58 3.99 -3.76
CA ARG A 8 4.84 5.01 -2.76
C ARG A 8 3.56 5.79 -2.44
N SER A 9 2.70 5.93 -3.44
CA SER A 9 1.45 6.66 -3.27
C SER A 9 0.56 6.00 -2.22
N VAL A 10 0.64 4.67 -2.14
CA VAL A 10 -0.13 3.91 -1.18
C VAL A 10 0.71 2.84 -0.50
N CYS A 11 1.46 3.24 0.52
CA CYS A 11 2.32 2.32 1.25
C CYS A 11 2.68 2.89 2.62
N PRO A 12 1.71 2.86 3.55
CA PRO A 12 1.91 3.37 4.91
C PRO A 12 2.87 2.49 5.73
N ILE A 13 4.11 2.42 5.30
CA ILE A 13 5.11 1.61 5.99
C ILE A 13 6.08 2.49 6.77
N SER A 1 -7.85 -9.13 1.76
CA SER A 1 -8.82 -8.13 2.22
C SER A 1 -8.14 -6.78 2.39
N LYS A 2 -7.07 -6.75 3.18
CA LYS A 2 -6.34 -5.51 3.43
C LYS A 2 -5.62 -5.05 2.17
N TRP A 3 -5.01 -3.87 2.24
CA TRP A 3 -4.28 -3.31 1.11
C TRP A 3 -3.05 -4.14 0.79
N ILE A 4 -2.57 -4.02 -0.45
CA ILE A 4 -1.39 -4.77 -0.89
C ILE A 4 -0.27 -3.82 -1.30
N CYS A 5 -0.51 -2.52 -1.15
CA CYS A 5 0.48 -1.51 -1.49
C CYS A 5 0.81 -1.55 -2.99
N ALA A 6 0.35 -0.55 -3.72
CA ALA A 6 0.59 -0.46 -5.15
C ALA A 6 1.88 0.29 -5.45
N ASN A 7 2.21 1.24 -4.60
CA ASN A 7 3.42 2.04 -4.76
C ASN A 7 3.57 3.05 -3.64
N ARG A 8 4.58 3.92 -3.76
CA ARG A 8 4.83 4.94 -2.75
C ARG A 8 3.56 5.75 -2.45
N SER A 9 2.72 5.90 -3.48
CA SER A 9 1.48 6.65 -3.33
C SER A 9 0.56 5.99 -2.30
N VAL A 10 0.63 4.67 -2.21
CA VAL A 10 -0.20 3.92 -1.28
C VAL A 10 0.62 2.84 -0.58
N CYS A 11 1.35 3.23 0.46
CA CYS A 11 2.18 2.29 1.21
C CYS A 11 2.52 2.86 2.59
N PRO A 12 1.54 2.85 3.50
CA PRO A 12 1.73 3.35 4.86
C PRO A 12 2.64 2.46 5.70
N ILE A 13 3.90 2.37 5.29
CA ILE A 13 4.87 1.55 6.00
C ILE A 13 6.04 2.39 6.49
N SER A 1 -7.99 -9.17 1.90
CA SER A 1 -8.92 -8.10 2.23
C SER A 1 -8.20 -6.78 2.43
N LYS A 2 -7.13 -6.81 3.22
CA LYS A 2 -6.35 -5.61 3.50
C LYS A 2 -5.63 -5.14 2.24
N TRP A 3 -4.97 -3.98 2.35
CA TRP A 3 -4.25 -3.42 1.22
C TRP A 3 -3.04 -4.28 0.86
N ILE A 4 -2.57 -4.13 -0.38
CA ILE A 4 -1.42 -4.91 -0.84
C ILE A 4 -0.27 -3.99 -1.24
N CYS A 5 -0.46 -2.70 -1.05
CA CYS A 5 0.56 -1.70 -1.38
C CYS A 5 0.87 -1.73 -2.87
N ALA A 6 0.43 -0.68 -3.58
CA ALA A 6 0.67 -0.58 -5.01
C ALA A 6 1.98 0.14 -5.31
N ASN A 7 2.35 1.07 -4.43
CA ASN A 7 3.58 1.83 -4.59
C ASN A 7 3.77 2.82 -3.44
N ARG A 8 4.80 3.64 -3.55
CA ARG A 8 5.09 4.63 -2.52
C ARG A 8 3.86 5.47 -2.20
N SER A 9 3.00 5.67 -3.21
CA SER A 9 1.79 6.46 -3.04
C SER A 9 0.87 5.81 -2.02
N VAL A 10 0.89 4.48 -1.97
CA VAL A 10 0.05 3.74 -1.02
C VAL A 10 0.84 2.62 -0.36
N CYS A 11 1.59 2.96 0.67
CA CYS A 11 2.38 1.98 1.40
C CYS A 11 2.76 2.50 2.78
N PRO A 12 1.79 2.50 3.70
CA PRO A 12 1.99 2.96 5.07
C PRO A 12 2.88 2.02 5.88
N ILE A 13 4.13 1.90 5.46
CA ILE A 13 5.09 1.03 6.15
C ILE A 13 5.89 1.81 7.19
N SER A 1 -10.19 -8.09 2.88
CA SER A 1 -8.78 -8.15 2.51
C SER A 1 -8.12 -6.78 2.70
N LYS A 2 -6.93 -6.78 3.30
CA LYS A 2 -6.19 -5.55 3.54
C LYS A 2 -5.51 -5.07 2.26
N TRP A 3 -4.90 -3.88 2.33
CA TRP A 3 -4.20 -3.32 1.18
C TRP A 3 -2.97 -4.15 0.83
N ILE A 4 -2.52 -4.01 -0.41
CA ILE A 4 -1.34 -4.75 -0.87
C ILE A 4 -0.23 -3.80 -1.29
N CYS A 5 -0.48 -2.50 -1.14
CA CYS A 5 0.50 -1.49 -1.50
C CYS A 5 0.80 -1.52 -3.00
N ALA A 6 0.33 -0.52 -3.72
CA ALA A 6 0.54 -0.44 -5.15
C ALA A 6 1.82 0.32 -5.47
N ASN A 7 2.16 1.28 -4.62
CA ASN A 7 3.36 2.08 -4.82
C ASN A 7 3.52 3.10 -3.69
N ARG A 8 4.52 3.98 -3.83
CA ARG A 8 4.78 5.00 -2.82
C ARG A 8 3.51 5.79 -2.51
N SER A 9 2.66 5.94 -3.51
CA SER A 9 1.41 6.68 -3.35
C SER A 9 0.52 6.02 -2.30
N VAL A 10 0.59 4.69 -2.22
CA VAL A 10 -0.21 3.94 -1.26
C VAL A 10 0.62 2.86 -0.58
N CYS A 11 1.37 3.26 0.44
CA CYS A 11 2.22 2.33 1.18
C CYS A 11 2.58 2.89 2.55
N PRO A 12 1.62 2.87 3.47
CA PRO A 12 1.82 3.38 4.84
C PRO A 12 2.75 2.50 5.66
N ILE A 13 4.01 2.41 5.22
CA ILE A 13 4.99 1.59 5.92
C ILE A 13 5.61 2.36 7.09
N SER A 1 -9.73 -8.23 3.40
CA SER A 1 -8.55 -8.20 2.55
C SER A 1 -7.84 -6.85 2.67
N LYS A 2 -6.88 -6.78 3.58
CA LYS A 2 -6.12 -5.54 3.79
C LYS A 2 -5.47 -5.09 2.48
N TRP A 3 -4.85 -3.91 2.52
CA TRP A 3 -4.18 -3.36 1.34
C TRP A 3 -2.97 -4.20 0.96
N ILE A 4 -2.55 -4.08 -0.30
CA ILE A 4 -1.40 -4.83 -0.79
C ILE A 4 -0.29 -3.90 -1.25
N CYS A 5 -0.52 -2.59 -1.10
CA CYS A 5 0.46 -1.59 -1.49
C CYS A 5 0.71 -1.65 -3.00
N ALA A 6 0.22 -0.64 -3.71
CA ALA A 6 0.39 -0.58 -5.17
C ALA A 6 1.66 0.18 -5.53
N ASN A 7 2.04 1.14 -4.70
CA ASN A 7 3.24 1.93 -4.94
C ASN A 7 3.45 2.95 -3.82
N ARG A 8 4.45 3.81 -3.99
CA ARG A 8 4.75 4.84 -3.00
C ARG A 8 3.51 5.65 -2.66
N SER A 9 2.62 5.79 -3.63
CA SER A 9 1.39 6.55 -3.44
C SER A 9 0.52 5.91 -2.35
N VAL A 10 0.58 4.58 -2.27
CA VAL A 10 -0.20 3.85 -1.28
C VAL A 10 0.65 2.75 -0.61
N CYS A 11 1.44 3.16 0.37
CA CYS A 11 2.29 2.22 1.10
C CYS A 11 2.71 2.80 2.45
N PRO A 12 1.78 2.80 3.41
CA PRO A 12 2.03 3.31 4.76
C PRO A 12 2.97 2.42 5.55
N ILE A 13 4.21 2.31 5.08
CA ILE A 13 5.22 1.50 5.75
C ILE A 13 6.18 2.35 6.57
N SER A 1 -10.19 -8.06 2.80
CA SER A 1 -8.74 -8.20 2.80
C SER A 1 -8.07 -6.84 3.00
N LYS A 2 -6.84 -6.86 3.51
CA LYS A 2 -6.10 -5.64 3.76
C LYS A 2 -5.42 -5.15 2.48
N TRP A 3 -4.80 -3.97 2.55
CA TRP A 3 -4.12 -3.40 1.40
C TRP A 3 -2.89 -4.23 1.02
N ILE A 4 -2.45 -4.10 -0.22
CA ILE A 4 -1.29 -4.84 -0.70
C ILE A 4 -0.16 -3.89 -1.12
N CYS A 5 -0.41 -2.59 -0.96
CA CYS A 5 0.58 -1.57 -1.32
C CYS A 5 0.86 -1.60 -2.82
N ALA A 6 0.37 -0.59 -3.53
CA ALA A 6 0.58 -0.50 -4.97
C ALA A 6 1.85 0.27 -5.30
N ASN A 7 2.21 1.21 -4.44
CA ASN A 7 3.41 2.01 -4.64
C ASN A 7 3.60 3.03 -3.51
N ARG A 8 4.60 3.89 -3.64
CA ARG A 8 4.87 4.89 -2.63
C ARG A 8 3.62 5.69 -2.30
N SER A 9 2.74 5.85 -3.29
CA SER A 9 1.50 6.60 -3.11
C SER A 9 0.62 5.94 -2.05
N VAL A 10 0.68 4.61 -1.99
CA VAL A 10 -0.10 3.86 -1.02
C VAL A 10 0.73 2.76 -0.36
N CYS A 11 1.49 3.14 0.66
CA CYS A 11 2.34 2.19 1.38
C CYS A 11 2.73 2.75 2.74
N PRO A 12 1.77 2.74 3.68
CA PRO A 12 1.99 3.23 5.05
C PRO A 12 2.92 2.32 5.85
N ILE A 13 4.18 2.23 5.40
CA ILE A 13 5.16 1.41 6.08
C ILE A 13 6.47 2.16 6.28
N SER A 1 -7.89 -9.13 2.00
CA SER A 1 -8.88 -8.08 2.29
C SER A 1 -8.18 -6.73 2.47
N LYS A 2 -7.09 -6.73 3.23
CA LYS A 2 -6.33 -5.50 3.48
C LYS A 2 -5.63 -5.03 2.21
N TRP A 3 -5.02 -3.86 2.28
CA TRP A 3 -4.30 -3.29 1.14
C TRP A 3 -3.07 -4.14 0.80
N ILE A 4 -2.61 -4.01 -0.44
CA ILE A 4 -1.43 -4.76 -0.89
C ILE A 4 -0.31 -3.82 -1.29
N CYS A 5 -0.54 -2.52 -1.14
CA CYS A 5 0.45 -1.52 -1.49
C CYS A 5 0.76 -1.56 -2.99
N ALA A 6 0.31 -0.54 -3.71
CA ALA A 6 0.53 -0.46 -5.14
C ALA A 6 1.82 0.29 -5.45
N ASN A 7 2.16 1.24 -4.60
CA ASN A 7 3.38 2.04 -4.78
C ASN A 7 3.54 3.06 -3.65
N ARG A 8 4.54 3.91 -3.77
CA ARG A 8 4.81 4.93 -2.76
C ARG A 8 3.54 5.74 -2.47
N SER A 9 2.69 5.89 -3.48
CA SER A 9 1.46 6.65 -3.32
C SER A 9 0.55 5.99 -2.28
N VAL A 10 0.61 4.67 -2.21
CA VAL A 10 -0.21 3.92 -1.25
C VAL A 10 0.60 2.83 -0.57
N CYS A 11 1.35 3.22 0.46
CA CYS A 11 2.18 2.27 1.21
C CYS A 11 2.54 2.83 2.58
N PRO A 12 1.56 2.83 3.49
CA PRO A 12 1.76 3.33 4.86
C PRO A 12 2.66 2.43 5.69
N ILE A 13 3.92 2.33 5.27
CA ILE A 13 4.90 1.49 5.98
C ILE A 13 5.56 2.27 7.11
N SER A 1 -9.90 -8.19 3.57
CA SER A 1 -8.71 -8.12 2.72
C SER A 1 -8.03 -6.77 2.85
N LYS A 2 -6.95 -6.73 3.65
CA LYS A 2 -6.20 -5.50 3.87
C LYS A 2 -5.52 -5.05 2.57
N TRP A 3 -4.90 -3.88 2.61
CA TRP A 3 -4.20 -3.34 1.45
C TRP A 3 -2.98 -4.18 1.11
N ILE A 4 -2.53 -4.08 -0.14
CA ILE A 4 -1.36 -4.83 -0.59
C ILE A 4 -0.25 -3.90 -1.03
N CYS A 5 -0.48 -2.59 -0.89
CA CYS A 5 0.51 -1.59 -1.28
C CYS A 5 0.80 -1.67 -2.78
N ALA A 6 0.33 -0.67 -3.51
CA ALA A 6 0.54 -0.62 -4.96
C ALA A 6 1.82 0.13 -5.29
N ASN A 7 2.18 1.09 -4.45
CA ASN A 7 3.39 1.88 -4.67
C ASN A 7 3.58 2.91 -3.55
N ARG A 8 4.58 3.78 -3.71
CA ARG A 8 4.86 4.80 -2.71
C ARG A 8 3.60 5.62 -2.41
N SER A 9 2.74 5.76 -3.40
CA SER A 9 1.50 6.52 -3.25
C SER A 9 0.61 5.89 -2.18
N VAL A 10 0.67 4.56 -2.09
CA VAL A 10 -0.13 3.83 -1.11
C VAL A 10 0.69 2.75 -0.41
N CYS A 11 1.46 3.16 0.60
CA CYS A 11 2.29 2.23 1.34
C CYS A 11 2.68 2.82 2.71
N PRO A 12 1.72 2.83 3.63
CA PRO A 12 1.93 3.36 4.99
C PRO A 12 2.85 2.47 5.81
N ILE A 13 4.11 2.37 5.38
CA ILE A 13 5.09 1.56 6.09
C ILE A 13 6.09 2.44 6.84
N SER A 1 -10.22 -8.06 2.29
CA SER A 1 -8.77 -8.17 2.20
C SER A 1 -8.10 -6.80 2.32
N LYS A 2 -7.16 -6.70 3.25
CA LYS A 2 -6.45 -5.45 3.48
C LYS A 2 -5.66 -5.05 2.25
N TRP A 3 -5.11 -3.84 2.27
CA TRP A 3 -4.33 -3.32 1.16
C TRP A 3 -3.07 -4.15 0.95
N ILE A 4 -2.56 -4.15 -0.28
CA ILE A 4 -1.35 -4.90 -0.61
C ILE A 4 -0.24 -3.98 -1.08
N CYS A 5 -0.45 -2.67 -0.90
CA CYS A 5 0.54 -1.67 -1.30
C CYS A 5 0.77 -1.73 -2.81
N ALA A 6 0.28 -0.71 -3.52
CA ALA A 6 0.43 -0.64 -4.96
C ALA A 6 1.72 0.11 -5.34
N ASN A 7 2.11 1.07 -4.50
CA ASN A 7 3.30 1.86 -4.73
C ASN A 7 3.53 2.87 -3.62
N ARG A 8 4.53 3.73 -3.80
CA ARG A 8 4.84 4.75 -2.80
C ARG A 8 3.60 5.56 -2.44
N SER A 9 2.70 5.72 -3.42
CA SER A 9 1.47 6.47 -3.20
C SER A 9 0.61 5.83 -2.13
N VAL A 10 0.67 4.50 -2.04
CA VAL A 10 -0.10 3.76 -1.05
C VAL A 10 0.74 2.66 -0.41
N CYS A 11 1.52 3.05 0.59
CA CYS A 11 2.38 2.10 1.29
C CYS A 11 2.80 2.64 2.65
N PRO A 12 1.87 2.64 3.61
CA PRO A 12 2.12 3.14 4.97
C PRO A 12 3.06 2.23 5.75
N ILE A 13 4.31 2.13 5.28
CA ILE A 13 5.31 1.31 5.93
C ILE A 13 6.35 2.17 6.65
N SER A 1 -8.71 -9.25 3.73
CA SER A 1 -8.31 -8.69 2.45
C SER A 1 -7.77 -7.28 2.61
N LYS A 2 -6.62 -7.17 3.28
CA LYS A 2 -5.98 -5.88 3.51
C LYS A 2 -5.24 -5.41 2.26
N TRP A 3 -4.76 -4.18 2.28
CA TRP A 3 -4.03 -3.62 1.15
C TRP A 3 -2.74 -4.38 0.91
N ILE A 4 -2.26 -4.35 -0.34
CA ILE A 4 -1.04 -5.05 -0.71
C ILE A 4 0.02 -4.06 -1.20
N CYS A 5 -0.23 -2.78 -0.98
CA CYS A 5 0.70 -1.74 -1.39
C CYS A 5 0.89 -1.74 -2.91
N ALA A 6 0.32 -0.74 -3.57
CA ALA A 6 0.41 -0.61 -5.02
C ALA A 6 1.64 0.19 -5.42
N ASN A 7 2.02 1.14 -4.58
CA ASN A 7 3.18 1.99 -4.85
C ASN A 7 3.40 2.98 -3.73
N ARG A 8 4.36 3.88 -3.91
CA ARG A 8 4.68 4.89 -2.91
C ARG A 8 3.42 5.65 -2.49
N SER A 9 2.48 5.78 -3.41
CA SER A 9 1.24 6.49 -3.13
C SER A 9 0.44 5.78 -2.03
N VAL A 10 0.56 4.46 -1.99
CA VAL A 10 -0.15 3.66 -0.98
C VAL A 10 0.76 2.58 -0.40
N CYS A 11 1.58 2.98 0.57
CA CYS A 11 2.51 2.04 1.22
C CYS A 11 2.96 2.58 2.57
N PRO A 12 2.07 2.50 3.56
CA PRO A 12 2.35 2.97 4.93
C PRO A 12 3.36 2.08 5.64
N ILE A 13 4.59 2.05 5.12
CA ILE A 13 5.65 1.25 5.71
C ILE A 13 7.01 1.92 5.55
N SER A 1 -9.88 -8.77 2.69
CA SER A 1 -8.47 -8.71 2.33
C SER A 1 -7.93 -7.29 2.53
N LYS A 2 -6.77 -7.19 3.18
CA LYS A 2 -6.14 -5.90 3.44
C LYS A 2 -5.38 -5.42 2.20
N TRP A 3 -4.90 -4.18 2.26
CA TRP A 3 -4.16 -3.60 1.15
C TRP A 3 -2.87 -4.36 0.90
N ILE A 4 -2.38 -4.30 -0.34
CA ILE A 4 -1.15 -4.98 -0.70
C ILE A 4 -0.09 -3.99 -1.16
N CYS A 5 -0.34 -2.71 -0.93
CA CYS A 5 0.60 -1.66 -1.32
C CYS A 5 0.79 -1.64 -2.83
N ALA A 6 0.22 -0.62 -3.47
CA ALA A 6 0.33 -0.48 -4.92
C ALA A 6 1.57 0.34 -5.30
N ASN A 7 1.93 1.27 -4.43
CA ASN A 7 3.09 2.13 -4.68
C ASN A 7 3.30 3.11 -3.53
N ARG A 8 4.26 4.02 -3.69
CA ARG A 8 4.55 5.01 -2.68
C ARG A 8 3.29 5.75 -2.25
N SER A 9 2.35 5.91 -3.18
CA SER A 9 1.10 6.60 -2.91
C SER A 9 0.31 5.87 -1.83
N VAL A 10 0.42 4.54 -1.81
CA VAL A 10 -0.29 3.73 -0.83
C VAL A 10 0.62 2.65 -0.25
N CYS A 11 1.42 3.02 0.74
CA CYS A 11 2.34 2.09 1.38
C CYS A 11 2.77 2.60 2.75
N PRO A 12 1.87 2.51 3.73
CA PRO A 12 2.13 2.96 5.10
C PRO A 12 3.14 2.07 5.82
N ILE A 13 4.37 2.04 5.31
CA ILE A 13 5.43 1.24 5.90
C ILE A 13 6.74 2.02 5.99
N SER A 1 -9.70 -7.96 1.74
CA SER A 1 -8.37 -8.07 2.35
C SER A 1 -7.71 -6.70 2.45
N LYS A 2 -6.80 -6.57 3.41
CA LYS A 2 -6.09 -5.30 3.61
C LYS A 2 -5.32 -4.90 2.36
N TRP A 3 -4.79 -3.69 2.37
CA TRP A 3 -4.02 -3.18 1.23
C TRP A 3 -2.75 -4.00 1.02
N ILE A 4 -2.27 -4.02 -0.22
CA ILE A 4 -1.06 -4.77 -0.55
C ILE A 4 0.04 -3.84 -1.06
N CYS A 5 -0.16 -2.53 -0.88
CA CYS A 5 0.80 -1.54 -1.32
C CYS A 5 1.00 -1.60 -2.82
N ALA A 6 0.47 -0.59 -3.52
CA ALA A 6 0.59 -0.52 -4.97
C ALA A 6 1.85 0.24 -5.38
N ASN A 7 2.26 1.19 -4.56
CA ASN A 7 3.45 2.00 -4.85
C ASN A 7 3.70 3.02 -3.74
N ARG A 8 4.68 3.88 -3.95
CA ARG A 8 5.02 4.90 -2.97
C ARG A 8 3.78 5.71 -2.58
N SER A 9 2.86 5.85 -3.52
CA SER A 9 1.63 6.61 -3.28
C SER A 9 0.81 5.96 -2.16
N VAL A 10 0.88 4.64 -2.09
CA VAL A 10 0.13 3.89 -1.07
C VAL A 10 1.00 2.81 -0.44
N CYS A 11 1.82 3.19 0.53
CA CYS A 11 2.71 2.25 1.22
C CYS A 11 3.16 2.81 2.56
N PRO A 12 2.25 2.80 3.54
CA PRO A 12 2.54 3.30 4.89
C PRO A 12 3.52 2.40 5.64
N ILE A 13 3.55 1.13 5.28
CA ILE A 13 4.45 0.18 5.92
C ILE A 13 5.86 0.29 5.37
N SER A 1 -6.92 -9.39 2.23
CA SER A 1 -7.98 -8.39 2.35
C SER A 1 -7.38 -6.98 2.46
N LYS A 2 -6.44 -6.82 3.37
CA LYS A 2 -5.79 -5.53 3.59
C LYS A 2 -5.05 -5.08 2.32
N TRP A 3 -4.58 -3.84 2.33
CA TRP A 3 -3.87 -3.28 1.18
C TRP A 3 -2.57 -4.04 0.94
N ILE A 4 -2.10 -4.03 -0.30
CA ILE A 4 -0.87 -4.71 -0.66
C ILE A 4 0.18 -3.72 -1.17
N CYS A 5 -0.09 -2.43 -0.98
CA CYS A 5 0.83 -1.39 -1.41
C CYS A 5 0.99 -1.42 -2.94
N ALA A 6 0.42 -0.43 -3.61
CA ALA A 6 0.49 -0.34 -5.06
C ALA A 6 1.72 0.47 -5.49
N ASN A 7 2.08 1.45 -4.66
CA ASN A 7 3.23 2.30 -4.95
C ASN A 7 3.45 3.32 -3.84
N ARG A 8 4.39 4.24 -4.06
CA ARG A 8 4.69 5.27 -3.08
C ARG A 8 3.43 6.01 -2.66
N SER A 9 2.47 6.12 -3.58
CA SER A 9 1.22 6.81 -3.31
C SER A 9 0.45 6.11 -2.19
N VAL A 10 0.59 4.79 -2.13
CA VAL A 10 -0.10 4.01 -1.11
C VAL A 10 0.83 2.96 -0.50
N CYS A 11 1.64 3.38 0.46
CA CYS A 11 2.57 2.47 1.11
C CYS A 11 3.04 3.04 2.46
N PRO A 12 2.14 2.96 3.46
CA PRO A 12 2.43 3.47 4.81
C PRO A 12 3.46 2.62 5.53
N ILE A 13 3.55 1.35 5.16
CA ILE A 13 4.50 0.43 5.77
C ILE A 13 5.91 0.63 5.19
N SER A 1 -9.71 -7.96 2.92
CA SER A 1 -8.25 -8.03 2.91
C SER A 1 -7.64 -6.64 3.00
N LYS A 2 -6.50 -6.53 3.69
CA LYS A 2 -5.82 -5.26 3.84
C LYS A 2 -5.11 -4.86 2.55
N TRP A 3 -4.61 -3.63 2.50
CA TRP A 3 -3.91 -3.13 1.33
C TRP A 3 -2.63 -3.91 1.08
N ILE A 4 -2.20 -3.95 -0.17
CA ILE A 4 -0.99 -4.67 -0.55
C ILE A 4 0.07 -3.72 -1.11
N CYS A 5 -0.17 -2.42 -0.95
CA CYS A 5 0.77 -1.41 -1.45
C CYS A 5 0.89 -1.48 -2.97
N ALA A 6 0.32 -0.51 -3.65
CA ALA A 6 0.37 -0.46 -5.10
C ALA A 6 1.58 0.31 -5.59
N ASN A 7 2.00 1.30 -4.80
CA ASN A 7 3.15 2.12 -5.15
C ASN A 7 3.42 3.17 -4.07
N ARG A 8 4.38 4.05 -4.33
CA ARG A 8 4.73 5.10 -3.39
C ARG A 8 3.50 5.89 -2.96
N SER A 9 2.53 6.00 -3.86
CA SER A 9 1.29 6.72 -3.58
C SER A 9 0.54 6.07 -2.43
N VAL A 10 0.64 4.75 -2.32
CA VAL A 10 -0.03 4.01 -1.27
C VAL A 10 0.88 2.96 -0.66
N CYS A 11 1.73 3.38 0.27
CA CYS A 11 2.67 2.47 0.93
C CYS A 11 3.17 3.07 2.25
N PRO A 12 2.30 3.05 3.27
CA PRO A 12 2.63 3.58 4.59
C PRO A 12 3.66 2.72 5.32
N ILE A 13 3.72 1.44 4.97
CA ILE A 13 4.66 0.52 5.59
C ILE A 13 6.04 0.66 4.97
N SER A 1 -7.30 -9.29 2.10
CA SER A 1 -8.33 -8.27 2.23
C SER A 1 -7.72 -6.89 2.37
N LYS A 2 -6.68 -6.79 3.19
CA LYS A 2 -6.00 -5.51 3.42
C LYS A 2 -5.24 -5.08 2.17
N TRP A 3 -4.74 -3.85 2.19
CA TRP A 3 -3.98 -3.32 1.06
C TRP A 3 -2.70 -4.11 0.84
N ILE A 4 -2.20 -4.10 -0.40
CA ILE A 4 -0.99 -4.81 -0.74
C ILE A 4 0.10 -3.86 -1.23
N CYS A 5 -0.14 -2.56 -1.03
CA CYS A 5 0.81 -1.54 -1.46
C CYS A 5 1.01 -1.57 -2.97
N ALA A 6 0.46 -0.57 -3.65
CA ALA A 6 0.58 -0.47 -5.10
C ALA A 6 1.82 0.31 -5.51
N ASN A 7 2.21 1.27 -4.67
CA ASN A 7 3.38 2.09 -4.94
C ASN A 7 3.60 3.11 -3.82
N ARG A 8 4.57 3.99 -4.02
CA ARG A 8 4.89 5.01 -3.02
C ARG A 8 3.64 5.78 -2.62
N SER A 9 2.71 5.93 -3.56
CA SER A 9 1.47 6.65 -3.31
C SER A 9 0.66 5.97 -2.22
N VAL A 10 0.75 4.64 -2.15
CA VAL A 10 0.03 3.87 -1.14
C VAL A 10 0.92 2.80 -0.53
N CYS A 11 1.72 3.19 0.45
CA CYS A 11 2.62 2.26 1.12
C CYS A 11 3.07 2.81 2.46
N PRO A 12 2.15 2.77 3.45
CA PRO A 12 2.43 3.26 4.81
C PRO A 12 3.43 2.37 5.55
N ILE A 13 3.49 1.11 5.17
CA ILE A 13 4.40 0.16 5.80
C ILE A 13 5.82 0.31 5.26
N SER A 1 -7.47 -9.02 1.67
CA SER A 1 -8.37 -8.14 2.42
C SER A 1 -7.78 -6.74 2.56
N LYS A 2 -6.63 -6.66 3.21
CA LYS A 2 -5.95 -5.38 3.41
C LYS A 2 -5.19 -4.96 2.16
N TRP A 3 -4.70 -3.73 2.15
CA TRP A 3 -3.96 -3.20 1.01
C TRP A 3 -2.67 -3.98 0.79
N ILE A 4 -2.19 -3.99 -0.45
CA ILE A 4 -0.96 -4.71 -0.79
C ILE A 4 0.10 -3.74 -1.30
N CYS A 5 -0.14 -2.44 -1.12
CA CYS A 5 0.80 -1.42 -1.56
C CYS A 5 0.98 -1.47 -3.08
N ALA A 6 0.42 -0.49 -3.78
CA ALA A 6 0.53 -0.41 -5.22
C ALA A 6 1.76 0.37 -5.65
N ASN A 7 2.14 1.35 -4.83
CA ASN A 7 3.30 2.18 -5.13
C ASN A 7 3.52 3.21 -4.02
N ARG A 8 4.49 4.11 -4.24
CA ARG A 8 4.79 5.14 -3.27
C ARG A 8 3.54 5.92 -2.88
N SER A 9 2.60 6.02 -3.81
CA SER A 9 1.35 6.74 -3.56
C SER A 9 0.56 6.07 -2.45
N VAL A 10 0.67 4.75 -2.37
CA VAL A 10 -0.04 3.98 -1.34
C VAL A 10 0.86 2.93 -0.72
N CYS A 11 1.67 3.35 0.25
CA CYS A 11 2.59 2.44 0.94
C CYS A 11 3.03 3.02 2.27
N PRO A 12 2.13 2.98 3.26
CA PRO A 12 2.41 3.49 4.61
C PRO A 12 3.42 2.63 5.36
N ILE A 13 3.50 1.36 4.99
CA ILE A 13 4.42 0.44 5.62
C ILE A 13 5.84 0.59 5.07
#